data_4G1P
#
_entry.id   4G1P
#
_cell.length_a   119.132
_cell.length_b   119.132
_cell.length_c   176.302
_cell.angle_alpha   90.00
_cell.angle_beta   90.00
_cell.angle_gamma   120.00
#
_symmetry.space_group_name_H-M   'P 65 2 2'
#
loop_
_entity.id
_entity.type
_entity.pdbx_description
1 polymer 'Cys-Gly metallodipeptidase DUG1'
2 non-polymer 'ZINC ION'
3 non-polymer GLYCINE
4 non-polymer CYSTEINE
5 water water
#
_entity_poly.entity_id   1
_entity_poly.type   'polypeptide(L)'
_entity_poly.pdbx_seq_one_letter_code
;MSHSLTSVFQKIDSLKPQFFSRLTKAIQIPAVSSDESLRSKVFDKAKFISEQLSQSGFHDIKMVDLGIQPPPISTPNLSL
PPVILSRFGSDPSKKTVLVYGHYDVQPAQLEDGWDTEPFKLVIDEAKGIMKGRGVTDDTGPLLSWINVVDAFKASGQEFP
VNLVTCFEGMEESGSLKLDELIKKEANGYFKGVDAVCISDNYWLGTKKPVLTYGLRGCNYYQTIIEGPSADLHSGIFGGV
VAEPMIDLMQVLGSLVDSKGKILIDGIDEMVAPLTEKEKALYKDIEFSVEELNAATGSKTSLYDKKEDILMHRWRYPSLS
IHGVEGAFSAQGAKTVIPAKVFGKFSIRTVPDMDSEKLTSLVQKHCDAKFKSLNSPNKCRTELIHDGAYWVSDPFNAQFT
AAKKATKLVYGVDPDFTREGGSIPITLTFQDALNTSVLLLPMGRGDDGAHSINEKLDISNFVGGMKTMAAYLQYYSESPE
NHHHHHH
;
_entity_poly.pdbx_strand_id   A
#
# COMPACT_ATOMS: atom_id res chain seq x y z
N MET A 1 24.77 -12.56 19.30
CA MET A 1 23.46 -12.36 19.87
C MET A 1 23.35 -11.00 20.55
N SER A 2 23.63 -9.94 19.81
CA SER A 2 23.56 -8.59 20.36
C SER A 2 22.57 -8.58 21.52
N HIS A 3 22.94 -7.89 22.60
CA HIS A 3 22.15 -7.92 23.82
C HIS A 3 21.13 -9.02 23.76
N SER A 4 21.60 -10.23 23.49
CA SER A 4 20.74 -11.40 23.42
C SER A 4 19.53 -11.18 22.52
N LEU A 5 19.75 -11.34 21.22
CA LEU A 5 18.65 -11.34 20.26
C LEU A 5 17.99 -12.70 20.32
N THR A 6 18.77 -13.70 20.71
CA THR A 6 18.27 -15.07 20.84
C THR A 6 17.19 -15.14 21.90
N SER A 7 17.34 -14.32 22.94
CA SER A 7 16.33 -14.22 23.99
C SER A 7 15.04 -13.69 23.38
N VAL A 8 15.16 -12.57 22.68
CA VAL A 8 14.05 -11.95 21.98
C VAL A 8 13.44 -12.89 20.91
N PHE A 9 14.30 -13.54 20.14
CA PHE A 9 13.82 -14.49 19.14
C PHE A 9 13.02 -15.63 19.76
N GLN A 10 13.44 -16.07 20.95
CA GLN A 10 12.77 -17.15 21.64
C GLN A 10 11.41 -16.72 22.17
N LYS A 11 11.34 -15.49 22.66
CA LYS A 11 10.08 -15.02 23.21
C LYS A 11 9.09 -14.79 22.08
N ILE A 12 9.61 -14.49 20.90
CA ILE A 12 8.75 -14.26 19.75
C ILE A 12 8.04 -15.55 19.36
N ASP A 13 8.77 -16.66 19.48
CA ASP A 13 8.18 -17.98 19.27
C ASP A 13 7.16 -18.31 20.37
N SER A 14 7.52 -18.05 21.63
CA SER A 14 6.67 -18.43 22.75
C SER A 14 5.37 -17.65 22.78
N LEU A 15 5.42 -16.43 22.28
CA LEU A 15 4.28 -15.54 22.40
C LEU A 15 3.35 -15.63 21.20
N LYS A 16 3.63 -16.54 20.27
CA LYS A 16 2.76 -16.75 19.12
C LYS A 16 1.27 -16.90 19.46
N PRO A 17 0.95 -17.56 20.59
CA PRO A 17 -0.47 -17.60 20.94
C PRO A 17 -1.11 -16.24 21.21
N GLN A 18 -0.42 -15.33 21.91
CA GLN A 18 -1.03 -14.04 22.16
C GLN A 18 -0.98 -13.18 20.90
N PHE A 19 0.07 -13.33 20.10
CA PHE A 19 0.17 -12.59 18.85
C PHE A 19 -0.98 -12.98 17.93
N PHE A 20 -1.26 -14.27 17.85
CA PHE A 20 -2.32 -14.80 17.01
C PHE A 20 -3.65 -14.24 17.50
N SER A 21 -3.81 -14.27 18.80
CA SER A 21 -5.03 -13.80 19.40
C SER A 21 -5.24 -12.33 19.08
N ARG A 22 -4.22 -11.53 19.31
CA ARG A 22 -4.27 -10.12 19.03
C ARG A 22 -4.62 -9.89 17.55
N LEU A 23 -3.99 -10.65 16.67
CA LEU A 23 -4.19 -10.47 15.25
C LEU A 23 -5.61 -10.90 14.82
N THR A 24 -6.19 -11.85 15.54
CA THR A 24 -7.53 -12.31 15.20
C THR A 24 -8.56 -11.24 15.48
N LYS A 25 -8.44 -10.60 16.64
CA LYS A 25 -9.40 -9.57 17.05
C LYS A 25 -9.39 -8.41 16.07
N ALA A 26 -8.18 -7.99 15.71
CA ALA A 26 -7.96 -6.90 14.78
C ALA A 26 -8.59 -7.17 13.41
N ILE A 27 -8.32 -8.35 12.88
CA ILE A 27 -8.80 -8.73 11.57
C ILE A 27 -10.33 -8.81 11.57
N GLN A 28 -10.92 -9.06 12.73
CA GLN A 28 -12.37 -9.22 12.82
C GLN A 28 -13.14 -7.92 12.73
N ILE A 29 -12.49 -6.81 13.06
CA ILE A 29 -13.12 -5.51 12.92
C ILE A 29 -12.89 -5.04 11.49
N PRO A 30 -13.94 -5.00 10.67
CA PRO A 30 -13.77 -4.68 9.25
C PRO A 30 -13.61 -3.18 8.98
N ALA A 31 -12.43 -2.64 9.31
CA ALA A 31 -12.10 -1.23 9.06
C ALA A 31 -11.97 -0.91 7.57
N VAL A 32 -13.07 -1.03 6.84
CA VAL A 32 -13.04 -0.70 5.42
C VAL A 32 -13.27 0.80 5.25
N SER A 33 -12.19 1.54 5.05
CA SER A 33 -12.24 2.99 5.00
C SER A 33 -13.02 3.55 3.79
N SER A 34 -13.20 2.73 2.76
CA SER A 34 -13.84 3.21 1.56
C SER A 34 -15.35 3.08 1.69
N ASP A 35 -15.80 2.42 2.75
CA ASP A 35 -17.21 2.11 2.96
C ASP A 35 -17.80 2.94 4.09
N GLU A 36 -18.64 3.90 3.75
CA GLU A 36 -19.19 4.82 4.74
C GLU A 36 -19.96 4.11 5.85
N SER A 37 -20.71 3.08 5.47
CA SER A 37 -21.49 2.30 6.43
C SER A 37 -20.62 1.56 7.44
N LEU A 38 -19.33 1.44 7.16
CA LEU A 38 -18.42 0.72 8.04
C LEU A 38 -17.46 1.66 8.76
N ARG A 39 -17.66 2.97 8.57
CA ARG A 39 -16.75 3.94 9.18
C ARG A 39 -16.63 3.68 10.68
N SER A 40 -17.75 3.34 11.32
CA SER A 40 -17.75 3.08 12.76
C SER A 40 -16.83 1.90 13.11
N LYS A 41 -16.79 0.90 12.23
CA LYS A 41 -15.86 -0.20 12.39
C LYS A 41 -14.43 0.30 12.38
N VAL A 42 -14.14 1.23 11.46
CA VAL A 42 -12.81 1.78 11.37
C VAL A 42 -12.41 2.42 12.69
N PHE A 43 -13.34 3.12 13.33
CA PHE A 43 -13.04 3.73 14.63
C PHE A 43 -12.77 2.66 15.68
N ASP A 44 -13.53 1.57 15.66
CA ASP A 44 -13.34 0.50 16.64
C ASP A 44 -11.97 -0.14 16.47
N LYS A 45 -11.54 -0.25 15.22
CA LYS A 45 -10.24 -0.79 14.89
C LYS A 45 -9.16 0.10 15.49
N ALA A 46 -9.29 1.41 15.30
CA ALA A 46 -8.32 2.36 15.86
C ALA A 46 -8.33 2.27 17.38
N LYS A 47 -9.51 2.09 17.93
CA LYS A 47 -9.68 2.03 19.36
C LYS A 47 -8.98 0.78 19.86
N PHE A 48 -9.22 -0.34 19.18
CA PHE A 48 -8.61 -1.61 19.55
C PHE A 48 -7.08 -1.51 19.56
N ILE A 49 -6.52 -0.89 18.53
CA ILE A 49 -5.09 -0.75 18.44
C ILE A 49 -4.53 0.11 19.56
N SER A 50 -5.13 1.26 19.81
CA SER A 50 -4.68 2.11 20.91
C SER A 50 -4.69 1.37 22.23
N GLU A 51 -5.67 0.47 22.39
CA GLU A 51 -5.74 -0.39 23.56
C GLU A 51 -4.56 -1.37 23.66
N GLN A 52 -4.19 -1.97 22.53
CA GLN A 52 -3.01 -2.81 22.52
C GLN A 52 -1.74 -2.01 22.84
N LEU A 53 -1.65 -0.81 22.29
CA LEU A 53 -0.49 0.03 22.55
C LEU A 53 -0.37 0.26 24.06
N SER A 54 -1.47 0.67 24.65
CA SER A 54 -1.51 1.02 26.05
C SER A 54 -1.23 -0.18 26.96
N GLN A 55 -1.77 -1.35 26.61
CA GLN A 55 -1.51 -2.55 27.40
C GLN A 55 -0.04 -2.96 27.33
N SER A 56 0.55 -2.85 26.15
CA SER A 56 2.01 -2.93 26.06
C SER A 56 2.55 -1.65 26.71
N GLY A 57 3.82 -1.36 26.60
CA GLY A 57 4.28 -0.22 27.39
C GLY A 57 4.08 1.19 26.86
N PHE A 58 3.32 1.37 25.77
CA PHE A 58 3.35 2.65 25.07
C PHE A 58 2.77 3.83 25.86
N HIS A 59 3.26 5.03 25.58
CA HIS A 59 2.76 6.23 26.24
C HIS A 59 2.60 7.40 25.26
N ASP A 60 2.07 8.51 25.77
CA ASP A 60 1.85 9.71 24.96
C ASP A 60 0.95 9.37 23.77
N ILE A 61 -0.05 8.53 24.02
CA ILE A 61 -0.93 8.07 22.96
C ILE A 61 -1.86 9.18 22.50
N LYS A 62 -1.92 9.40 21.20
CA LYS A 62 -2.77 10.45 20.66
C LYS A 62 -3.59 9.95 19.45
N MET A 63 -4.91 9.99 19.60
CA MET A 63 -5.80 9.70 18.50
C MET A 63 -6.08 11.00 17.75
N VAL A 64 -5.28 11.27 16.74
CA VAL A 64 -5.32 12.57 16.10
C VAL A 64 -6.44 12.65 15.07
N ASP A 65 -7.28 13.67 15.18
CA ASP A 65 -8.40 13.88 14.28
C ASP A 65 -7.99 14.73 13.11
N LEU A 66 -7.94 14.14 11.92
CA LEU A 66 -7.59 14.87 10.71
C LEU A 66 -8.69 15.86 10.36
N GLY A 67 -9.89 15.59 10.86
CA GLY A 67 -11.04 16.44 10.60
C GLY A 67 -12.14 15.69 9.88
N ILE A 68 -12.96 16.43 9.13
CA ILE A 68 -14.06 15.83 8.39
C ILE A 68 -13.63 15.43 6.99
N GLN A 69 -14.11 14.28 6.53
CA GLN A 69 -13.80 13.81 5.19
C GLN A 69 -14.06 14.88 4.16
N PRO A 70 -13.05 15.21 3.37
CA PRO A 70 -13.17 16.27 2.36
C PRO A 70 -12.62 15.83 1.00
N PRO A 71 -12.00 16.78 0.30
CA PRO A 71 -11.40 16.50 -1.00
C PRO A 71 -12.43 16.58 -2.13
N PRO A 72 -12.49 15.54 -2.95
CA PRO A 72 -13.45 15.49 -4.06
C PRO A 72 -14.48 14.37 -3.89
N SER A 74 -17.94 13.18 -1.86
CA SER A 74 -19.18 12.78 -1.21
C SER A 74 -18.94 12.40 0.24
N THR A 75 -19.41 13.25 1.16
CA THR A 75 -19.27 13.00 2.59
C THR A 75 -20.33 13.73 3.39
N PRO A 76 -21.06 12.98 4.21
CA PRO A 76 -22.09 13.57 5.08
C PRO A 76 -21.46 14.07 6.37
N ASN A 77 -20.39 14.84 6.25
CA ASN A 77 -19.63 15.27 7.42
C ASN A 77 -19.16 14.12 8.30
N LEU A 78 -18.78 13.03 7.63
CA LEU A 78 -18.18 11.89 8.29
C LEU A 78 -16.77 12.29 8.78
N SER A 79 -16.46 12.01 10.05
CA SER A 79 -15.10 12.27 10.52
C SER A 79 -14.15 11.25 9.90
N LEU A 80 -12.89 11.63 9.73
CA LEU A 80 -11.87 10.71 9.22
C LEU A 80 -11.40 9.79 10.33
N PRO A 81 -10.94 8.58 9.98
CA PRO A 81 -10.26 7.68 10.93
C PRO A 81 -9.10 8.41 11.55
N PRO A 82 -8.90 8.28 12.88
CA PRO A 82 -7.83 8.98 13.60
C PRO A 82 -6.44 8.44 13.25
N VAL A 83 -5.41 9.28 13.19
CA VAL A 83 -4.06 8.78 13.02
C VAL A 83 -3.57 8.50 14.41
N ILE A 84 -2.89 7.39 14.59
CA ILE A 84 -2.53 6.93 15.93
C ILE A 84 -1.07 7.17 16.21
N LEU A 85 -0.79 8.10 17.11
CA LEU A 85 0.59 8.39 17.47
C LEU A 85 0.88 7.86 18.86
N SER A 86 2.01 7.20 19.02
CA SER A 86 2.45 6.74 20.33
C SER A 86 3.97 6.63 20.41
N ARG A 87 4.48 6.56 21.62
CA ARG A 87 5.92 6.38 21.82
C ARG A 87 6.11 5.21 22.76
N PHE A 88 7.20 4.51 22.58
CA PHE A 88 7.63 3.50 23.55
C PHE A 88 9.09 3.76 23.92
N GLY A 89 9.31 4.15 25.17
CA GLY A 89 10.61 4.57 25.65
C GLY A 89 10.83 6.06 25.48
N SER A 90 11.62 6.64 26.37
CA SER A 90 12.00 8.04 26.24
C SER A 90 13.40 8.26 26.79
N ASP A 91 14.33 7.45 26.30
CA ASP A 91 15.73 7.56 26.67
C ASP A 91 16.45 8.52 25.72
N PRO A 92 16.96 9.62 26.25
CA PRO A 92 17.54 10.69 25.42
C PRO A 92 18.87 10.29 24.80
N SER A 93 19.40 9.13 25.17
CA SER A 93 20.65 8.66 24.58
C SER A 93 20.41 7.64 23.50
N LYS A 94 19.15 7.26 23.29
CA LYS A 94 18.85 6.28 22.28
C LYS A 94 18.36 6.95 21.00
N LYS A 95 18.57 6.29 19.87
CA LYS A 95 17.98 6.77 18.63
C LYS A 95 16.45 6.61 18.65
N THR A 96 15.77 7.45 17.88
CA THR A 96 14.33 7.34 17.79
C THR A 96 13.88 6.85 16.41
N VAL A 97 13.21 5.71 16.36
CA VAL A 97 12.68 5.22 15.10
C VAL A 97 11.16 5.40 15.02
N LEU A 98 10.71 6.07 13.97
CA LEU A 98 9.29 6.19 13.71
C LEU A 98 8.85 5.06 12.78
N VAL A 99 7.84 4.31 13.22
CA VAL A 99 7.25 3.30 12.34
C VAL A 99 5.85 3.71 11.92
N TYR A 100 5.58 3.54 10.64
CA TYR A 100 4.28 3.86 10.05
C TYR A 100 3.65 2.61 9.44
N GLY A 101 2.32 2.53 9.53
CA GLY A 101 1.54 1.50 8.90
C GLY A 101 0.09 1.94 8.80
N HIS A 102 -0.79 1.05 8.39
CA HIS A 102 -2.19 1.46 8.27
C HIS A 102 -3.15 0.38 8.69
N TYR A 103 -4.19 0.79 9.38
CA TYR A 103 -5.13 -0.15 9.95
C TYR A 103 -6.45 -0.31 9.20
N ASP A 104 -6.68 0.50 8.17
CA ASP A 104 -7.85 0.32 7.33
C ASP A 104 -7.48 -0.73 6.30
N VAL A 105 -8.49 -1.23 5.58
CA VAL A 105 -8.33 -2.37 4.68
C VAL A 105 -9.26 -2.27 3.48
N GLN A 106 -8.88 -2.93 2.39
CA GLN A 106 -9.74 -3.05 1.20
C GLN A 106 -11.07 -3.75 1.51
N PRO A 107 -12.13 -3.41 0.77
CA PRO A 107 -13.38 -4.15 0.96
C PRO A 107 -13.21 -5.62 0.63
N ALA A 108 -14.10 -6.45 1.18
CA ALA A 108 -14.07 -7.87 0.90
C ALA A 108 -15.42 -8.51 1.22
N GLN A 109 -15.80 -9.46 0.37
CA GLN A 109 -17.00 -10.26 0.57
C GLN A 109 -16.71 -11.67 0.15
N LEU A 110 -17.32 -12.60 0.86
CA LEU A 110 -17.21 -14.02 0.55
C LEU A 110 -17.53 -14.28 -0.92
N GLU A 111 -18.65 -13.72 -1.36
CA GLU A 111 -19.14 -14.00 -2.70
C GLU A 111 -18.19 -13.54 -3.80
N ASP A 112 -17.18 -12.75 -3.45
CA ASP A 112 -16.20 -12.34 -4.44
C ASP A 112 -15.38 -13.54 -4.90
N GLY A 113 -15.43 -14.64 -4.16
CA GLY A 113 -14.66 -15.82 -4.50
C GLY A 113 -13.77 -16.36 -3.39
N TRP A 114 -13.87 -15.75 -2.22
CA TRP A 114 -13.13 -16.16 -1.03
C TRP A 114 -13.47 -17.58 -0.60
N ASP A 115 -12.46 -18.33 -0.17
CA ASP A 115 -12.68 -19.70 0.29
C ASP A 115 -13.13 -19.69 1.73
N THR A 116 -12.78 -18.63 2.44
CA THR A 116 -13.15 -18.47 3.83
C THR A 116 -13.75 -17.11 3.96
N GLU A 117 -14.36 -16.82 5.09
CA GLU A 117 -14.95 -15.53 5.32
C GLU A 117 -13.86 -14.51 5.61
N PRO A 118 -13.75 -13.47 4.75
CA PRO A 118 -12.64 -12.53 4.74
C PRO A 118 -12.36 -11.86 6.08
N PHE A 119 -13.38 -11.68 6.92
CA PHE A 119 -13.13 -11.08 8.23
C PHE A 119 -13.20 -12.05 9.37
N LYS A 120 -13.10 -13.34 9.08
CA LYS A 120 -12.82 -14.31 10.11
C LYS A 120 -11.42 -14.82 9.82
N LEU A 121 -10.45 -14.44 10.65
CA LEU A 121 -9.08 -14.85 10.42
C LEU A 121 -8.90 -16.35 10.63
N VAL A 122 -8.60 -17.08 9.57
CA VAL A 122 -8.34 -18.50 9.68
C VAL A 122 -6.85 -18.75 9.77
N ILE A 123 -6.41 -19.35 10.88
CA ILE A 123 -5.00 -19.61 11.11
C ILE A 123 -4.72 -21.10 11.02
N ASP A 124 -3.93 -21.51 10.04
CA ASP A 124 -3.62 -22.91 9.86
C ASP A 124 -2.13 -23.15 10.08
N GLU A 125 -1.78 -23.58 11.28
CA GLU A 125 -0.39 -23.83 11.65
C GLU A 125 0.20 -25.04 10.93
N ALA A 126 -0.66 -25.90 10.41
CA ALA A 126 -0.18 -27.05 9.65
C ALA A 126 0.32 -26.64 8.26
N LYS A 127 -0.45 -25.82 7.55
CA LYS A 127 0.04 -25.30 6.28
C LYS A 127 0.94 -24.10 6.52
N GLY A 128 0.82 -23.48 7.70
CA GLY A 128 1.55 -22.29 8.01
C GLY A 128 1.07 -21.05 7.28
N ILE A 129 -0.24 -20.86 7.21
CA ILE A 129 -0.82 -19.66 6.61
C ILE A 129 -1.94 -19.07 7.45
N MET A 130 -2.08 -17.77 7.34
CA MET A 130 -3.20 -17.05 7.94
C MET A 130 -3.96 -16.42 6.80
N LYS A 131 -5.26 -16.69 6.73
CA LYS A 131 -6.11 -16.17 5.66
C LYS A 131 -7.11 -15.17 6.22
N GLY A 132 -7.10 -13.96 5.67
CA GLY A 132 -8.03 -12.93 6.10
C GLY A 132 -7.73 -11.62 5.40
N ARG A 133 -8.76 -10.80 5.17
CA ARG A 133 -8.55 -9.49 4.56
C ARG A 133 -7.78 -8.57 5.51
N GLY A 134 -6.68 -8.02 5.01
CA GLY A 134 -5.89 -7.09 5.80
C GLY A 134 -4.75 -7.74 6.54
N VAL A 135 -4.62 -9.06 6.40
CA VAL A 135 -3.61 -9.77 7.18
C VAL A 135 -2.19 -9.44 6.72
N THR A 136 -2.00 -9.20 5.42
CA THR A 136 -0.71 -8.71 4.92
C THR A 136 -0.74 -7.21 4.63
N ASP A 137 -1.91 -6.65 4.34
CA ASP A 137 -2.01 -5.27 3.91
C ASP A 137 -3.13 -4.61 4.72
N ASP A 138 -2.82 -4.11 5.91
CA ASP A 138 -1.48 -3.96 6.45
C ASP A 138 -1.48 -4.30 7.94
N THR A 139 -2.50 -5.04 8.39
CA THR A 139 -2.71 -5.24 9.82
C THR A 139 -1.70 -6.21 10.49
N GLY A 140 -1.33 -7.27 9.79
CA GLY A 140 -0.27 -8.14 10.26
C GLY A 140 1.03 -7.40 10.55
N PRO A 141 1.59 -6.72 9.53
CA PRO A 141 2.86 -6.02 9.73
C PRO A 141 2.75 -4.94 10.81
N LEU A 142 1.69 -4.13 10.76
CA LEU A 142 1.48 -3.10 11.77
C LEU A 142 1.57 -3.69 13.19
N LEU A 143 0.73 -4.68 13.48
CA LEU A 143 0.71 -5.26 14.82
C LEU A 143 2.06 -5.90 15.18
N SER A 144 2.81 -6.31 14.17
CA SER A 144 4.11 -6.92 14.41
C SER A 144 5.01 -6.02 15.26
N TRP A 145 4.99 -4.72 14.97
CA TRP A 145 5.75 -3.77 15.79
C TRP A 145 5.41 -3.89 17.27
N ILE A 146 4.13 -4.07 17.59
CA ILE A 146 3.74 -4.22 18.98
C ILE A 146 4.18 -5.57 19.57
N ASN A 147 3.99 -6.64 18.80
CA ASN A 147 4.48 -7.96 19.19
C ASN A 147 5.95 -7.89 19.60
N VAL A 148 6.73 -7.26 18.74
CA VAL A 148 8.15 -7.07 18.99
C VAL A 148 8.44 -6.33 20.29
N VAL A 149 7.73 -5.22 20.54
CA VAL A 149 7.89 -4.55 21.83
C VAL A 149 7.60 -5.53 22.97
N ASP A 150 6.55 -6.33 22.81
CA ASP A 150 6.19 -7.29 23.83
C ASP A 150 7.30 -8.32 24.04
N ALA A 151 7.95 -8.74 22.97
CA ALA A 151 8.91 -9.82 23.07
C ALA A 151 10.15 -9.35 23.82
N PHE A 152 10.62 -8.15 23.51
CA PHE A 152 11.70 -7.53 24.28
C PHE A 152 11.31 -7.51 25.74
N LYS A 153 10.06 -7.13 26.01
CA LYS A 153 9.59 -7.02 27.39
C LYS A 153 9.63 -8.38 28.09
N ALA A 154 9.05 -9.40 27.47
CA ALA A 154 8.99 -10.74 28.06
C ALA A 154 10.36 -11.40 28.20
N SER A 155 11.30 -10.99 27.38
CA SER A 155 12.63 -11.57 27.40
C SER A 155 13.53 -10.86 28.40
N GLY A 156 13.01 -9.81 29.02
CA GLY A 156 13.78 -9.01 29.97
C GLY A 156 15.01 -8.37 29.33
N GLN A 157 14.92 -8.16 28.03
CA GLN A 157 16.00 -7.56 27.27
C GLN A 157 15.73 -6.06 27.01
N GLU A 158 16.78 -5.25 27.02
CA GLU A 158 16.61 -3.81 26.85
C GLU A 158 16.15 -3.45 25.44
N PHE A 159 15.08 -2.66 25.33
CA PHE A 159 14.61 -2.22 24.02
C PHE A 159 15.62 -1.23 23.44
N PRO A 160 16.07 -1.48 22.19
CA PRO A 160 17.26 -0.77 21.72
C PRO A 160 17.03 0.68 21.25
N VAL A 161 15.78 1.09 21.02
CA VAL A 161 15.54 2.46 20.55
C VAL A 161 14.32 3.06 21.22
N ASN A 162 14.05 4.33 20.95
CA ASN A 162 12.77 4.91 21.29
C ASN A 162 11.84 4.76 20.09
N LEU A 163 10.75 4.03 20.28
CA LEU A 163 9.83 3.79 19.19
C LEU A 163 8.76 4.87 19.15
N VAL A 164 8.40 5.31 17.96
CA VAL A 164 7.37 6.30 17.79
C VAL A 164 6.48 5.78 16.68
N THR A 165 5.18 5.95 16.85
CA THR A 165 4.23 5.28 15.99
C THR A 165 3.41 6.29 15.24
N CYS A 166 3.06 5.95 14.00
CA CYS A 166 2.17 6.77 13.20
C CYS A 166 1.29 5.86 12.32
N PHE A 167 0.16 5.45 12.86
CA PHE A 167 -0.73 4.49 12.19
C PHE A 167 -2.01 5.18 11.70
N GLU A 168 -2.21 5.21 10.38
CA GLU A 168 -3.39 5.89 9.83
C GLU A 168 -4.43 4.85 9.44
N GLY A 169 -5.63 5.34 9.11
CA GLY A 169 -6.73 4.48 8.70
C GLY A 169 -7.40 4.96 7.42
N MET A 170 -6.64 5.64 6.57
CA MET A 170 -7.15 6.08 5.28
C MET A 170 -6.22 5.68 4.15
N GLU A 171 -5.33 4.73 4.38
CA GLU A 171 -4.34 4.40 3.35
C GLU A 171 -4.98 3.84 2.09
N GLU A 172 -6.04 3.06 2.26
CA GLU A 172 -6.73 2.46 1.11
C GLU A 172 -7.70 3.46 0.47
N SER A 173 -7.69 4.69 0.97
CA SER A 173 -8.60 5.72 0.51
C SER A 173 -7.88 7.07 0.35
N GLY A 174 -6.67 7.02 -0.21
CA GLY A 174 -5.92 8.22 -0.52
C GLY A 174 -5.07 8.83 0.58
N SER A 175 -5.03 8.22 1.77
CA SER A 175 -4.26 8.74 2.90
C SER A 175 -4.57 10.21 3.15
N LEU A 176 -5.85 10.55 3.09
CA LEU A 176 -6.31 11.93 3.18
C LEU A 176 -5.82 12.66 4.42
N LYS A 177 -5.25 13.85 4.20
CA LYS A 177 -4.90 14.80 5.27
C LYS A 177 -3.67 14.40 6.10
N LEU A 178 -3.18 13.19 5.90
CA LEU A 178 -2.02 12.69 6.67
C LEU A 178 -0.78 13.52 6.35
N ASP A 179 -0.62 13.79 5.06
CA ASP A 179 0.38 14.71 4.51
C ASP A 179 0.57 15.93 5.40
N GLU A 180 -0.51 16.68 5.59
CA GLU A 180 -0.47 17.88 6.41
C GLU A 180 -0.04 17.58 7.84
N LEU A 181 -0.52 16.46 8.37
CA LEU A 181 -0.21 16.10 9.75
C LEU A 181 1.29 15.94 9.98
N ILE A 182 1.95 15.25 9.07
CA ILE A 182 3.38 15.00 9.21
C ILE A 182 4.16 16.31 9.15
N LYS A 183 3.85 17.14 8.16
CA LYS A 183 4.49 18.43 8.02
C LYS A 183 4.22 19.31 9.23
N LYS A 184 2.98 19.29 9.72
CA LYS A 184 2.60 20.10 10.87
C LYS A 184 3.31 19.65 12.11
N GLU A 185 3.67 18.38 12.15
CA GLU A 185 4.17 17.82 13.38
C GLU A 185 5.65 17.48 13.31
N ALA A 186 6.27 17.92 12.22
CA ALA A 186 7.70 17.68 12.02
C ALA A 186 8.55 18.27 13.14
N ASN A 187 8.12 19.42 13.67
CA ASN A 187 8.85 20.09 14.73
C ASN A 187 8.05 20.01 16.02
N GLY A 188 7.18 19.00 16.07
CA GLY A 188 6.31 18.76 17.21
C GLY A 188 6.45 17.33 17.66
N TYR A 189 5.40 16.53 17.47
CA TYR A 189 5.42 15.14 17.94
C TYR A 189 6.57 14.35 17.34
N PHE A 190 6.99 14.70 16.12
CA PHE A 190 8.04 13.97 15.42
C PHE A 190 9.42 14.63 15.46
N LYS A 191 9.59 15.62 16.35
CA LYS A 191 10.80 16.44 16.36
C LYS A 191 12.11 15.64 16.49
N GLY A 192 12.13 14.63 17.36
CA GLY A 192 13.38 13.94 17.62
C GLY A 192 13.69 12.74 16.73
N VAL A 193 12.86 12.50 15.72
CA VAL A 193 12.96 11.28 14.93
C VAL A 193 14.29 11.18 14.18
N ASP A 194 14.92 10.01 14.26
CA ASP A 194 16.19 9.80 13.58
C ASP A 194 16.07 8.97 12.30
N ALA A 195 14.92 8.34 12.12
CA ALA A 195 14.78 7.37 11.05
C ALA A 195 13.34 6.93 11.00
N VAL A 196 12.91 6.52 9.81
CA VAL A 196 11.57 6.01 9.61
C VAL A 196 11.61 4.64 8.95
N CYS A 197 10.88 3.70 9.53
CA CYS A 197 10.72 2.38 8.94
C CYS A 197 9.25 2.10 8.59
N ILE A 198 9.03 1.48 7.44
CA ILE A 198 7.68 1.14 7.01
C ILE A 198 7.64 -0.31 6.58
N SER A 199 6.69 -1.05 7.11
CA SER A 199 6.45 -2.41 6.66
C SER A 199 5.09 -2.44 6.00
N ASP A 200 5.07 -2.27 4.68
CA ASP A 200 3.80 -2.13 3.97
C ASP A 200 3.95 -2.55 2.52
N ASN A 201 4.78 -3.54 2.26
CA ASN A 201 4.86 -4.15 0.95
C ASN A 201 5.32 -5.58 1.11
N TYR A 202 5.87 -6.17 0.06
CA TYR A 202 6.06 -7.63 0.01
C TYR A 202 7.37 -7.96 -0.65
N TRP A 203 7.84 -9.19 -0.45
CA TRP A 203 8.96 -9.72 -1.20
C TRP A 203 8.57 -9.70 -2.64
N LEU A 204 9.55 -9.66 -3.51
CA LEU A 204 9.31 -9.73 -4.94
C LEU A 204 8.60 -11.03 -5.33
N GLY A 205 9.09 -12.13 -4.76
CA GLY A 205 8.61 -13.44 -5.12
C GLY A 205 8.22 -14.12 -3.84
N THR A 206 8.40 -15.44 -3.79
CA THR A 206 7.95 -16.18 -2.62
C THR A 206 9.07 -16.89 -1.85
N LYS A 207 10.31 -16.78 -2.31
CA LYS A 207 11.39 -17.63 -1.80
C LYS A 207 12.50 -16.86 -1.08
N LYS A 208 12.65 -15.58 -1.40
CA LYS A 208 13.80 -14.82 -0.94
C LYS A 208 13.40 -13.43 -0.47
N PRO A 209 13.78 -13.08 0.78
CA PRO A 209 13.48 -11.78 1.38
C PRO A 209 14.14 -10.64 0.62
N VAL A 210 13.58 -9.45 0.74
CA VAL A 210 14.09 -8.29 0.02
C VAL A 210 14.10 -7.08 0.93
N LEU A 211 14.87 -6.07 0.55
CA LEU A 211 14.69 -4.76 1.16
C LEU A 211 14.35 -3.80 0.03
N THR A 212 13.45 -2.89 0.29
CA THR A 212 12.87 -2.11 -0.77
C THR A 212 13.33 -0.68 -0.71
N TYR A 213 13.91 -0.20 -1.80
CA TYR A 213 14.44 1.16 -1.83
C TYR A 213 13.70 2.11 -2.77
N GLY A 214 12.61 1.64 -3.39
CA GLY A 214 11.85 2.45 -4.33
C GLY A 214 10.38 2.12 -4.52
N LEU A 215 9.54 3.15 -4.61
CA LEU A 215 8.11 2.96 -4.85
C LEU A 215 7.64 3.77 -6.05
N ARG A 216 6.73 3.20 -6.82
CA ARG A 216 6.05 3.99 -7.84
C ARG A 216 4.98 4.81 -7.15
N GLY A 217 4.67 5.97 -7.72
CA GLY A 217 3.54 6.73 -7.26
C GLY A 217 2.27 6.25 -7.94
N CYS A 218 1.18 6.94 -7.67
CA CYS A 218 -0.11 6.55 -8.23
C CYS A 218 -1.03 7.74 -8.42
N ASN A 219 -1.50 7.92 -9.64
CA ASN A 219 -2.50 8.95 -9.93
C ASN A 219 -3.80 8.28 -10.34
N TYR A 220 -4.85 8.50 -9.58
CA TYR A 220 -6.09 7.80 -9.86
C TYR A 220 -7.12 8.75 -10.46
N TYR A 221 -7.61 8.39 -11.65
CA TYR A 221 -8.51 9.27 -12.40
C TYR A 221 -9.89 8.65 -12.62
N GLN A 222 -10.86 9.53 -12.80
CA GLN A 222 -12.18 9.11 -13.27
C GLN A 222 -12.59 10.02 -14.43
N THR A 223 -12.97 9.40 -15.53
CA THR A 223 -13.52 10.15 -16.66
C THR A 223 -15.03 10.11 -16.59
N ILE A 224 -15.65 11.29 -16.51
CA ILE A 224 -17.10 11.39 -16.33
C ILE A 224 -17.82 11.82 -17.60
N ILE A 225 -18.74 11.00 -18.08
CA ILE A 225 -19.53 11.31 -19.27
C ILE A 225 -21.01 11.25 -18.93
N GLU A 226 -21.70 12.36 -19.20
CA GLU A 226 -23.12 12.52 -18.88
C GLU A 226 -23.91 12.92 -20.11
N GLY A 227 -25.14 12.41 -20.22
CA GLY A 227 -26.03 12.68 -21.35
C GLY A 227 -27.44 13.06 -20.93
N PRO A 228 -28.35 12.07 -20.93
CA PRO A 228 -29.73 12.28 -20.47
C PRO A 228 -29.76 12.55 -18.98
N SER A 229 -30.91 12.97 -18.46
CA SER A 229 -30.99 13.34 -17.06
C SER A 229 -31.26 12.12 -16.18
N ALA A 230 -31.65 11.02 -16.81
CA ALA A 230 -31.83 9.77 -16.09
C ALA A 230 -31.66 8.59 -17.06
N ASP A 231 -31.52 7.39 -16.51
CA ASP A 231 -31.30 6.21 -17.35
C ASP A 231 -32.43 6.10 -18.37
N LEU A 232 -32.13 5.53 -19.51
CA LEU A 232 -33.11 5.43 -20.59
C LEU A 232 -33.32 3.98 -20.95
N HIS A 233 -34.57 3.62 -21.22
CA HIS A 233 -34.90 2.30 -21.73
C HIS A 233 -34.15 2.16 -23.05
N SER A 234 -33.32 1.13 -23.16
CA SER A 234 -32.42 1.08 -24.31
C SER A 234 -33.14 0.75 -25.61
N GLY A 235 -34.42 0.37 -25.50
CA GLY A 235 -35.24 0.00 -26.65
C GLY A 235 -36.02 1.19 -27.18
N ILE A 236 -36.60 1.96 -26.26
CA ILE A 236 -37.37 3.13 -26.62
C ILE A 236 -36.49 4.19 -27.25
N PHE A 237 -35.26 4.29 -26.77
CA PHE A 237 -34.38 5.37 -27.17
C PHE A 237 -33.16 4.89 -27.97
N GLY A 238 -33.04 3.57 -28.15
CA GLY A 238 -31.90 3.03 -28.87
C GLY A 238 -31.79 3.50 -30.30
N GLY A 239 -30.61 3.99 -30.68
CA GLY A 239 -30.36 4.44 -32.03
C GLY A 239 -30.75 5.89 -32.24
N VAL A 240 -31.20 6.55 -31.18
CA VAL A 240 -31.78 7.87 -31.36
C VAL A 240 -31.21 8.93 -30.41
N VAL A 241 -30.73 8.49 -29.24
CA VAL A 241 -30.02 9.37 -28.31
C VAL A 241 -28.59 8.90 -28.18
N ALA A 242 -27.67 9.81 -27.92
CA ALA A 242 -26.28 9.43 -27.81
C ALA A 242 -26.04 8.74 -26.46
N GLU A 243 -25.16 7.73 -26.43
CA GLU A 243 -24.95 6.96 -25.22
C GLU A 243 -23.58 7.24 -24.56
N PRO A 244 -23.60 7.76 -23.33
CA PRO A 244 -22.38 7.96 -22.54
C PRO A 244 -21.49 6.70 -22.51
N MET A 245 -22.09 5.52 -22.33
CA MET A 245 -21.31 4.29 -22.36
C MET A 245 -20.53 4.07 -23.66
N ILE A 246 -21.10 4.51 -24.79
CA ILE A 246 -20.46 4.29 -26.07
C ILE A 246 -19.25 5.22 -26.23
N ASP A 247 -19.44 6.49 -25.90
CA ASP A 247 -18.32 7.42 -25.89
C ASP A 247 -17.22 6.90 -24.96
N LEU A 248 -17.63 6.45 -23.79
CA LEU A 248 -16.70 6.05 -22.74
C LEU A 248 -15.81 4.88 -23.14
N MET A 249 -16.34 3.91 -23.88
CA MET A 249 -15.50 2.82 -24.37
C MET A 249 -14.42 3.35 -25.29
N GLN A 250 -14.76 4.39 -26.04
CA GLN A 250 -13.80 4.97 -26.94
C GLN A 250 -12.74 5.78 -26.20
N VAL A 251 -13.15 6.61 -25.26
CA VAL A 251 -12.19 7.42 -24.54
C VAL A 251 -11.26 6.54 -23.71
N LEU A 252 -11.85 5.62 -22.96
CA LEU A 252 -11.10 4.71 -22.10
C LEU A 252 -10.20 3.82 -22.93
N GLY A 253 -10.69 3.43 -24.10
CA GLY A 253 -9.97 2.51 -24.95
C GLY A 253 -8.83 3.15 -25.71
N SER A 254 -8.55 4.40 -25.38
CA SER A 254 -7.54 5.16 -26.12
C SER A 254 -6.39 5.48 -25.20
N LEU A 255 -6.41 4.93 -23.99
CA LEU A 255 -5.44 5.31 -22.97
C LEU A 255 -4.19 4.42 -22.98
N VAL A 256 -4.33 3.20 -23.45
CA VAL A 256 -3.30 2.19 -23.31
C VAL A 256 -3.62 0.98 -24.18
N ASP A 257 -2.63 0.33 -24.77
CA ASP A 257 -2.92 -0.85 -25.56
C ASP A 257 -2.79 -2.15 -24.76
N SER A 258 -2.90 -3.27 -25.45
CA SER A 258 -2.98 -4.55 -24.78
C SER A 258 -1.58 -5.10 -24.56
N LYS A 259 -0.59 -4.27 -24.83
CA LYS A 259 0.79 -4.66 -24.61
C LYS A 259 1.33 -3.91 -23.41
N GLY A 260 0.59 -2.89 -22.99
CA GLY A 260 0.93 -2.09 -21.83
C GLY A 260 1.42 -0.70 -22.19
N LYS A 261 1.45 -0.39 -23.49
CA LYS A 261 1.94 0.91 -23.90
C LYS A 261 0.94 2.01 -23.62
N ILE A 262 1.30 2.94 -22.74
CA ILE A 262 0.44 4.08 -22.48
C ILE A 262 0.43 4.97 -23.72
N LEU A 263 -0.74 5.46 -24.09
CA LEU A 263 -0.91 6.16 -25.36
C LEU A 263 -1.12 7.64 -25.17
N ILE A 264 -0.90 8.12 -23.96
CA ILE A 264 -1.10 9.53 -23.70
C ILE A 264 0.16 10.30 -24.06
N ASP A 265 0.04 11.29 -24.93
CA ASP A 265 1.19 12.11 -25.31
C ASP A 265 1.80 12.82 -24.10
N GLY A 266 3.13 12.84 -24.06
CA GLY A 266 3.81 13.66 -23.09
C GLY A 266 4.44 12.91 -21.95
N ILE A 267 4.02 11.67 -21.73
CA ILE A 267 4.45 10.95 -20.54
C ILE A 267 5.88 10.42 -20.65
N ASP A 268 6.14 9.76 -21.77
CA ASP A 268 7.45 9.17 -22.08
C ASP A 268 8.58 10.17 -21.92
N GLU A 269 8.31 11.42 -22.29
CA GLU A 269 9.29 12.49 -22.20
C GLU A 269 9.71 12.73 -20.75
N MET A 270 8.78 12.51 -19.82
CA MET A 270 9.05 12.75 -18.41
C MET A 270 9.71 11.58 -17.72
N VAL A 271 9.78 10.44 -18.40
CA VAL A 271 10.35 9.23 -17.84
C VAL A 271 11.88 9.27 -17.81
N ALA A 272 12.44 9.28 -16.60
CA ALA A 272 13.90 9.33 -16.44
C ALA A 272 14.57 8.18 -17.20
N PRO A 273 15.70 8.47 -17.84
CA PRO A 273 16.40 7.45 -18.64
C PRO A 273 17.12 6.42 -17.78
N LEU A 274 17.35 5.26 -18.39
CA LEU A 274 17.91 4.14 -17.68
C LEU A 274 19.43 4.28 -17.54
N THR A 275 19.92 4.37 -16.30
CA THR A 275 21.35 4.56 -16.05
C THR A 275 22.10 3.26 -15.75
N GLU A 276 23.42 3.31 -15.91
CA GLU A 276 24.27 2.18 -15.60
C GLU A 276 24.33 1.89 -14.10
N LYS A 277 24.31 2.97 -13.30
CA LYS A 277 24.20 2.84 -11.86
C LYS A 277 22.96 2.05 -11.46
N GLU A 278 21.80 2.52 -11.90
CA GLU A 278 20.54 1.89 -11.59
C GLU A 278 20.50 0.49 -12.17
N LYS A 279 21.13 0.33 -13.33
CA LYS A 279 21.16 -0.98 -13.99
C LYS A 279 21.99 -1.99 -13.20
N ALA A 280 22.99 -1.51 -12.46
CA ALA A 280 23.81 -2.39 -11.63
C ALA A 280 22.96 -3.15 -10.63
N LEU A 281 22.17 -2.40 -9.88
CA LEU A 281 21.30 -2.97 -8.84
C LEU A 281 20.30 -4.00 -9.35
N TYR A 282 19.99 -3.95 -10.63
CA TYR A 282 18.94 -4.75 -11.16
C TYR A 282 19.44 -6.11 -11.47
N LYS A 283 20.73 -6.30 -11.40
CA LYS A 283 21.21 -7.56 -11.79
C LYS A 283 21.55 -8.25 -10.52
N ASP A 284 21.49 -9.55 -10.57
CA ASP A 284 21.65 -10.35 -9.40
C ASP A 284 20.41 -10.50 -8.64
N ILE A 285 19.30 -10.17 -9.24
CA ILE A 285 18.07 -10.25 -8.54
C ILE A 285 17.71 -11.66 -8.89
N GLU A 286 16.91 -12.30 -8.09
CA GLU A 286 16.36 -13.56 -8.47
C GLU A 286 14.92 -13.44 -8.79
N PHE A 287 14.59 -13.68 -10.02
CA PHE A 287 13.19 -13.68 -10.45
C PHE A 287 13.04 -14.23 -11.85
N SER A 288 11.90 -14.88 -12.09
CA SER A 288 11.61 -15.42 -13.40
C SER A 288 10.12 -15.31 -13.69
N VAL A 289 9.77 -15.34 -14.97
CA VAL A 289 8.40 -15.22 -15.40
C VAL A 289 7.56 -16.36 -14.84
N GLU A 290 8.20 -17.50 -14.61
CA GLU A 290 7.51 -18.65 -14.04
C GLU A 290 6.96 -18.30 -12.67
N GLU A 291 7.71 -17.50 -11.94
CA GLU A 291 7.26 -17.03 -10.64
C GLU A 291 6.08 -16.07 -10.84
N LEU A 292 6.22 -15.17 -11.79
CA LEU A 292 5.14 -14.25 -12.12
C LEU A 292 3.86 -15.02 -12.49
N ASN A 293 3.99 -16.03 -13.33
CA ASN A 293 2.88 -16.91 -13.64
C ASN A 293 2.26 -17.62 -12.44
N ALA A 294 3.04 -17.89 -11.41
CA ALA A 294 2.53 -18.63 -10.29
C ALA A 294 1.64 -17.72 -9.48
N ALA A 295 2.04 -16.46 -9.39
CA ALA A 295 1.33 -15.48 -8.59
C ALA A 295 0.09 -15.02 -9.34
N THR A 296 0.23 -15.00 -10.66
CA THR A 296 -0.85 -14.61 -11.55
C THR A 296 -1.93 -15.69 -11.67
N GLY A 297 -1.51 -16.94 -11.73
CA GLY A 297 -2.46 -18.02 -11.85
C GLY A 297 -2.73 -18.29 -13.31
N SER A 298 -1.86 -17.73 -14.16
CA SER A 298 -2.01 -17.90 -15.59
C SER A 298 -0.68 -17.65 -16.33
N LYS A 299 -0.70 -17.79 -17.65
CA LYS A 299 0.43 -17.43 -18.50
C LYS A 299 0.15 -16.13 -19.26
N THR A 300 -0.04 -15.02 -18.57
CA THR A 300 -0.46 -13.81 -19.27
C THR A 300 0.47 -12.62 -19.06
N SER A 301 1.74 -12.91 -18.83
CA SER A 301 2.73 -11.85 -18.69
C SER A 301 2.84 -11.06 -19.98
N LEU A 302 3.33 -9.85 -19.89
CA LEU A 302 3.59 -9.05 -21.07
C LEU A 302 5.06 -9.11 -21.50
N TYR A 303 5.89 -9.79 -20.72
CA TYR A 303 7.34 -9.86 -20.95
C TYR A 303 7.92 -11.17 -20.42
N ASP A 304 8.91 -11.70 -21.10
CA ASP A 304 9.56 -12.93 -20.66
C ASP A 304 10.91 -12.69 -19.97
N LYS A 305 11.61 -11.65 -20.40
CA LYS A 305 12.93 -11.36 -19.85
C LYS A 305 12.84 -10.80 -18.44
N LYS A 306 13.64 -11.36 -17.54
CA LYS A 306 13.66 -10.97 -16.13
C LYS A 306 13.84 -9.48 -16.00
N GLU A 307 14.80 -8.96 -16.74
CA GLU A 307 15.11 -7.53 -16.71
C GLU A 307 13.89 -6.71 -17.10
N ASP A 308 13.13 -7.24 -18.05
CA ASP A 308 11.96 -6.53 -18.55
C ASP A 308 10.81 -6.55 -17.56
N ILE A 309 10.50 -7.72 -17.04
CA ILE A 309 9.48 -7.85 -16.02
C ILE A 309 9.81 -6.91 -14.87
N LEU A 310 11.06 -6.91 -14.43
CA LEU A 310 11.43 -6.10 -13.29
C LEU A 310 11.32 -4.62 -13.60
N MET A 311 11.82 -4.22 -14.75
CA MET A 311 11.84 -2.80 -15.09
C MET A 311 10.45 -2.24 -15.39
N HIS A 312 9.58 -3.08 -15.90
CA HIS A 312 8.21 -2.66 -16.15
C HIS A 312 7.33 -2.70 -14.89
N ARG A 313 7.72 -3.46 -13.88
CA ARG A 313 7.10 -3.33 -12.55
C ARG A 313 7.65 -2.13 -11.78
N TRP A 314 8.92 -1.81 -11.98
CA TRP A 314 9.60 -0.89 -11.05
C TRP A 314 9.83 0.54 -11.53
N ARG A 315 10.18 0.72 -12.80
CA ARG A 315 10.71 2.03 -13.22
C ARG A 315 10.15 2.57 -14.52
N TYR A 316 9.28 1.81 -15.17
CA TYR A 316 8.47 2.35 -16.27
C TYR A 316 7.03 2.51 -15.79
N PRO A 317 6.36 3.59 -16.21
CA PRO A 317 4.98 3.81 -15.75
C PRO A 317 4.03 2.74 -16.26
N SER A 318 2.84 2.67 -15.69
CA SER A 318 1.81 1.77 -16.19
C SER A 318 0.44 2.41 -16.08
N LEU A 319 -0.50 1.94 -16.89
CA LEU A 319 -1.87 2.46 -16.86
C LEU A 319 -2.80 1.28 -16.76
N SER A 320 -3.64 1.28 -15.74
CA SER A 320 -4.58 0.19 -15.53
C SER A 320 -6.01 0.68 -15.60
N ILE A 321 -6.91 -0.17 -16.07
CA ILE A 321 -8.31 0.23 -16.16
C ILE A 321 -9.17 -0.61 -15.23
N HIS A 322 -9.80 0.05 -14.25
CA HIS A 322 -10.40 -0.64 -13.12
C HIS A 322 -11.87 -1.02 -13.23
N GLY A 323 -12.64 -0.25 -13.99
CA GLY A 323 -14.06 -0.51 -14.05
C GLY A 323 -14.87 0.74 -14.26
N VAL A 324 -16.18 0.55 -14.40
CA VAL A 324 -17.10 1.63 -14.68
C VAL A 324 -18.10 1.79 -13.55
N GLU A 325 -18.29 3.02 -13.10
CA GLU A 325 -19.32 3.35 -12.13
C GLU A 325 -20.53 4.01 -12.81
N GLY A 326 -21.74 3.56 -12.47
CA GLY A 326 -22.96 4.24 -12.92
C GLY A 326 -23.71 3.50 -14.01
N ALA A 327 -23.20 2.34 -14.39
CA ALA A 327 -23.84 1.53 -15.42
C ALA A 327 -24.37 0.24 -14.84
N PHE A 328 -24.54 -0.75 -15.69
CA PHE A 328 -25.12 -2.02 -15.24
C PHE A 328 -24.03 -3.06 -15.01
N SER A 329 -23.90 -3.52 -13.78
CA SER A 329 -22.74 -4.34 -13.41
C SER A 329 -23.10 -5.65 -12.69
N ALA A 330 -24.39 -5.90 -12.53
CA ALA A 330 -24.84 -7.15 -11.90
C ALA A 330 -24.86 -8.23 -12.93
N GLN A 331 -25.19 -9.46 -12.53
CA GLN A 331 -25.17 -10.53 -13.52
C GLN A 331 -26.41 -10.49 -14.40
N GLY A 332 -26.29 -11.13 -15.56
CA GLY A 332 -27.39 -11.21 -16.50
C GLY A 332 -27.54 -9.97 -17.37
N ALA A 333 -28.78 -9.66 -17.70
CA ALA A 333 -29.06 -8.65 -18.69
C ALA A 333 -29.89 -7.47 -18.15
N LYS A 334 -29.51 -6.26 -18.51
CA LYS A 334 -30.35 -5.10 -18.25
C LYS A 334 -30.33 -4.17 -19.48
N THR A 335 -31.52 -3.89 -20.00
CA THR A 335 -31.64 -3.11 -21.22
C THR A 335 -31.81 -1.67 -20.85
N VAL A 336 -30.68 -1.02 -20.59
CA VAL A 336 -30.68 0.35 -20.13
C VAL A 336 -29.55 1.16 -20.77
N ILE A 337 -29.82 2.43 -21.02
CA ILE A 337 -28.80 3.37 -21.44
C ILE A 337 -28.44 4.21 -20.22
N PRO A 338 -27.27 3.94 -19.61
CA PRO A 338 -26.88 4.71 -18.41
C PRO A 338 -26.76 6.19 -18.70
N ALA A 339 -27.18 7.03 -17.75
CA ALA A 339 -27.23 8.48 -17.93
C ALA A 339 -25.89 9.15 -17.67
N LYS A 340 -25.21 8.68 -16.63
CA LYS A 340 -23.96 9.29 -16.20
C LYS A 340 -22.99 8.23 -15.67
N VAL A 341 -21.90 8.03 -16.41
CA VAL A 341 -20.92 7.00 -16.12
C VAL A 341 -19.53 7.54 -15.74
N PHE A 342 -18.80 6.80 -14.92
CA PHE A 342 -17.48 7.22 -14.46
C PHE A 342 -16.52 6.09 -14.79
N GLY A 343 -15.58 6.35 -15.71
CA GLY A 343 -14.56 5.38 -16.03
C GLY A 343 -13.38 5.50 -15.08
N LYS A 344 -12.98 4.38 -14.47
CA LYS A 344 -11.91 4.39 -13.48
C LYS A 344 -10.58 3.88 -14.06
N PHE A 345 -9.54 4.67 -13.92
CA PHE A 345 -8.19 4.26 -14.36
C PHE A 345 -7.07 4.99 -13.60
N SER A 346 -5.98 4.30 -13.37
CA SER A 346 -4.85 4.92 -12.67
C SER A 346 -3.53 4.74 -13.40
N ILE A 347 -2.60 5.66 -13.12
CA ILE A 347 -1.26 5.59 -13.67
C ILE A 347 -0.25 5.45 -12.54
N ARG A 348 0.62 4.44 -12.67
CA ARG A 348 1.73 4.29 -11.75
C ARG A 348 2.87 5.19 -12.19
N THR A 349 3.24 6.14 -11.35
CA THR A 349 4.26 7.10 -11.75
C THR A 349 5.67 6.68 -11.34
N VAL A 350 6.65 7.10 -12.12
CA VAL A 350 8.04 6.83 -11.88
C VAL A 350 8.80 8.15 -12.01
N PRO A 351 10.07 8.18 -11.61
CA PRO A 351 10.82 9.39 -11.96
C PRO A 351 11.03 9.45 -13.48
N ASP A 352 10.98 10.66 -14.06
CA ASP A 352 10.75 11.87 -13.28
C ASP A 352 9.39 12.48 -13.62
N MET A 353 8.31 11.73 -13.43
CA MET A 353 6.98 12.22 -13.79
C MET A 353 6.43 13.23 -12.78
N ASP A 354 6.06 14.42 -13.25
CA ASP A 354 5.43 15.41 -12.38
C ASP A 354 3.92 15.16 -12.30
N SER A 355 3.38 15.16 -11.07
CA SER A 355 1.97 14.87 -10.86
C SER A 355 1.08 15.80 -11.67
N GLU A 356 1.25 17.10 -11.43
CA GLU A 356 0.55 18.16 -12.14
C GLU A 356 0.55 17.99 -13.65
N LYS A 357 1.74 17.97 -14.25
CA LYS A 357 1.86 17.82 -15.69
C LYS A 357 1.17 16.55 -16.22
N LEU A 358 1.28 15.47 -15.46
CA LEU A 358 0.69 14.21 -15.87
C LEU A 358 -0.81 14.36 -15.96
N THR A 359 -1.38 15.02 -14.95
CA THR A 359 -2.80 15.28 -14.92
C THR A 359 -3.27 16.14 -16.09
N SER A 360 -2.48 17.16 -16.42
CA SER A 360 -2.79 17.98 -17.57
C SER A 360 -2.76 17.13 -18.82
N LEU A 361 -1.72 16.31 -18.95
CA LEU A 361 -1.58 15.51 -20.14
C LEU A 361 -2.77 14.58 -20.29
N VAL A 362 -3.22 14.05 -19.15
CA VAL A 362 -4.30 13.07 -19.11
C VAL A 362 -5.62 13.74 -19.52
N GLN A 363 -5.86 14.92 -18.98
CA GLN A 363 -7.03 15.72 -19.33
C GLN A 363 -7.01 16.13 -20.81
N LYS A 364 -5.86 16.63 -21.24
CA LYS A 364 -5.71 17.02 -22.63
C LYS A 364 -6.05 15.86 -23.56
N HIS A 365 -5.56 14.68 -23.23
CA HIS A 365 -5.77 13.50 -24.06
C HIS A 365 -7.25 13.11 -24.07
N CYS A 366 -7.86 13.06 -22.91
CA CYS A 366 -9.23 12.62 -22.78
C CYS A 366 -10.19 13.60 -23.42
N ASP A 367 -9.95 14.89 -23.19
CA ASP A 367 -10.79 15.94 -23.76
C ASP A 367 -10.74 15.87 -25.29
N ALA A 368 -9.54 15.63 -25.81
CA ALA A 368 -9.34 15.67 -27.25
C ALA A 368 -9.97 14.47 -27.90
N LYS A 369 -9.84 13.32 -27.25
CA LYS A 369 -10.41 12.11 -27.78
C LYS A 369 -11.91 12.28 -27.77
N PHE A 370 -12.45 12.74 -26.65
CA PHE A 370 -13.88 12.91 -26.55
C PHE A 370 -14.41 13.85 -27.60
N LYS A 371 -13.75 14.99 -27.77
CA LYS A 371 -14.20 15.98 -28.74
C LYS A 371 -14.20 15.43 -30.16
N SER A 372 -13.24 14.56 -30.46
CA SER A 372 -13.17 13.94 -31.77
C SER A 372 -14.29 12.92 -32.00
N LEU A 373 -15.14 12.72 -31.00
CA LEU A 373 -16.22 11.77 -31.13
C LEU A 373 -17.43 12.43 -31.79
N ASN A 374 -17.48 13.75 -31.72
CA ASN A 374 -18.62 14.50 -32.23
C ASN A 374 -19.87 14.01 -31.53
N SER A 375 -19.84 14.10 -30.21
CA SER A 375 -20.93 13.62 -29.38
C SER A 375 -21.56 14.79 -28.66
N PRO A 376 -22.89 14.76 -28.55
CA PRO A 376 -23.62 15.80 -27.81
C PRO A 376 -23.44 15.66 -26.30
N ASN A 377 -22.78 14.61 -25.84
CA ASN A 377 -22.67 14.37 -24.41
C ASN A 377 -21.68 15.32 -23.71
N LYS A 378 -21.78 15.41 -22.38
CA LYS A 378 -20.83 16.17 -21.56
C LYS A 378 -19.70 15.25 -21.11
N CYS A 379 -18.49 15.78 -20.95
CA CYS A 379 -17.36 14.95 -20.55
C CYS A 379 -16.27 15.76 -19.88
N ARG A 380 -15.65 15.14 -18.90
CA ARG A 380 -14.52 15.72 -18.21
C ARG A 380 -13.81 14.64 -17.38
N THR A 381 -12.51 14.83 -17.18
CA THR A 381 -11.71 13.86 -16.46
C THR A 381 -11.10 14.50 -15.23
N GLU A 382 -11.26 13.85 -14.09
CA GLU A 382 -10.75 14.45 -12.87
C GLU A 382 -9.90 13.47 -12.04
N LEU A 383 -9.02 14.05 -11.25
CA LEU A 383 -8.12 13.28 -10.43
C LEU A 383 -8.85 12.92 -9.15
N ILE A 384 -8.77 11.65 -8.74
CA ILE A 384 -9.38 11.27 -7.48
C ILE A 384 -8.37 11.37 -6.33
N HIS A 385 -7.20 10.78 -6.53
CA HIS A 385 -6.11 10.96 -5.59
C HIS A 385 -4.74 10.79 -6.26
N ASP A 386 -3.72 11.40 -5.67
CA ASP A 386 -2.35 11.22 -6.15
C ASP A 386 -1.41 10.90 -4.99
N GLY A 387 -0.38 10.14 -5.28
CA GLY A 387 0.62 9.75 -4.29
C GLY A 387 1.95 9.71 -5.00
N ALA A 388 3.00 10.23 -4.34
CA ALA A 388 4.29 10.43 -5.01
C ALA A 388 5.06 9.14 -5.15
N TYR A 389 5.90 9.08 -6.19
CA TYR A 389 6.88 8.01 -6.28
C TYR A 389 8.04 8.31 -5.34
N TRP A 390 8.90 7.33 -5.10
CA TRP A 390 9.98 7.53 -4.16
C TRP A 390 11.14 6.63 -4.53
N VAL A 391 12.34 7.19 -4.55
CA VAL A 391 13.52 6.41 -4.83
C VAL A 391 14.59 6.83 -3.85
N SER A 392 15.28 5.83 -3.30
CA SER A 392 16.35 6.12 -2.36
C SER A 392 17.53 5.23 -2.64
N ASP A 393 18.67 5.62 -2.08
CA ASP A 393 19.89 4.85 -2.19
C ASP A 393 19.90 3.87 -1.03
N PRO A 394 19.97 2.57 -1.36
CA PRO A 394 19.91 1.46 -0.40
C PRO A 394 21.23 1.17 0.32
N PHE A 395 22.02 2.19 0.64
CA PHE A 395 23.27 1.89 1.31
C PHE A 395 23.41 2.48 2.70
N ASN A 396 22.57 3.46 3.03
CA ASN A 396 22.54 4.07 4.37
C ASN A 396 22.26 3.18 5.58
N ALA A 397 22.62 3.70 6.74
CA ALA A 397 22.66 2.97 8.01
C ALA A 397 21.50 1.98 8.12
N GLN A 398 20.29 2.42 7.78
CA GLN A 398 19.08 1.60 7.96
C GLN A 398 19.09 0.32 7.16
N PHE A 399 19.42 0.42 5.87
CA PHE A 399 19.47 -0.75 5.00
C PHE A 399 20.58 -1.71 5.44
N THR A 400 21.70 -1.18 5.91
CA THR A 400 22.76 -2.01 6.42
C THR A 400 22.29 -2.78 7.63
N ALA A 401 21.72 -2.06 8.58
CA ALA A 401 21.12 -2.66 9.76
C ALA A 401 20.08 -3.73 9.35
N ALA A 402 19.19 -3.36 8.43
CA ALA A 402 18.13 -4.27 7.98
C ALA A 402 18.71 -5.45 7.23
N LYS A 403 19.77 -5.20 6.46
CA LYS A 403 20.42 -6.27 5.70
C LYS A 403 20.97 -7.34 6.64
N LYS A 404 21.72 -6.92 7.66
CA LYS A 404 22.27 -7.86 8.63
C LYS A 404 21.16 -8.60 9.39
N ALA A 405 20.11 -7.86 9.75
CA ALA A 405 18.95 -8.47 10.38
C ALA A 405 18.34 -9.58 9.49
N THR A 406 18.11 -9.27 8.23
CA THR A 406 17.56 -10.27 7.31
C THR A 406 18.47 -11.48 7.21
N LYS A 407 19.76 -11.21 7.03
CA LYS A 407 20.75 -12.25 6.89
C LYS A 407 20.71 -13.16 8.11
N LEU A 408 20.62 -12.55 9.28
CA LEU A 408 20.56 -13.29 10.52
C LEU A 408 19.40 -14.25 10.59
N VAL A 409 18.21 -13.79 10.17
CA VAL A 409 16.99 -14.58 10.32
C VAL A 409 16.80 -15.56 9.18
N TYR A 410 16.95 -15.10 7.95
CA TYR A 410 16.71 -15.96 6.80
C TYR A 410 17.95 -16.60 6.19
N GLY A 411 19.12 -16.37 6.79
CA GLY A 411 20.34 -17.03 6.37
C GLY A 411 20.86 -16.69 4.99
N VAL A 412 20.27 -15.69 4.33
CA VAL A 412 20.80 -15.17 3.08
C VAL A 412 20.71 -13.66 3.15
N ASP A 413 21.43 -12.98 2.26
CA ASP A 413 21.30 -11.52 2.19
C ASP A 413 20.12 -11.21 1.28
N PRO A 414 19.33 -10.20 1.65
CA PRO A 414 18.13 -9.87 0.86
C PRO A 414 18.50 -9.27 -0.47
N ASP A 415 17.70 -9.51 -1.50
CA ASP A 415 17.82 -8.74 -2.72
C ASP A 415 17.43 -7.29 -2.42
N PHE A 416 17.97 -6.38 -3.19
CA PHE A 416 17.56 -4.98 -3.09
C PHE A 416 16.61 -4.65 -4.22
N THR A 417 15.37 -4.32 -3.88
CA THR A 417 14.33 -4.26 -4.89
C THR A 417 13.57 -2.96 -4.84
N ARG A 418 12.88 -2.67 -5.92
CA ARG A 418 11.93 -1.57 -5.92
C ARG A 418 10.55 -2.16 -5.84
N GLU A 419 9.53 -1.31 -5.82
CA GLU A 419 8.15 -1.75 -5.69
C GLU A 419 7.28 -1.21 -6.82
N GLY A 420 6.45 -2.08 -7.36
CA GLY A 420 5.42 -1.65 -8.30
C GLY A 420 4.30 -0.92 -7.57
N GLY A 421 4.07 -1.31 -6.32
CA GLY A 421 3.04 -0.69 -5.51
C GLY A 421 3.45 0.68 -5.02
N SER A 422 2.61 1.27 -4.16
CA SER A 422 2.80 2.63 -3.70
C SER A 422 2.53 2.78 -2.22
N ILE A 423 3.31 3.64 -1.57
CA ILE A 423 3.00 4.04 -0.22
C ILE A 423 3.13 5.54 -0.17
N PRO A 424 2.08 6.24 -0.59
CA PRO A 424 2.03 7.69 -0.75
C PRO A 424 2.86 8.57 0.22
N ILE A 425 2.80 8.38 1.55
CA ILE A 425 3.48 9.35 2.43
C ILE A 425 4.97 9.13 2.62
N THR A 426 5.50 8.07 2.03
CA THR A 426 6.90 7.72 2.18
C THR A 426 7.78 8.95 1.87
N LEU A 427 7.50 9.65 0.77
CA LEU A 427 8.27 10.84 0.42
C LEU A 427 8.05 11.96 1.42
N THR A 428 6.83 12.11 1.90
CA THR A 428 6.54 13.12 2.90
C THR A 428 7.31 12.87 4.18
N PHE A 429 7.49 11.61 4.57
CA PHE A 429 8.30 11.34 5.75
C PHE A 429 9.74 11.77 5.52
N GLN A 430 10.29 11.38 4.38
CA GLN A 430 11.68 11.66 4.08
C GLN A 430 11.95 13.15 4.08
N ASP A 431 11.19 13.91 3.32
CA ASP A 431 11.40 15.34 3.16
C ASP A 431 11.04 16.16 4.40
N ALA A 432 9.87 15.92 4.97
CA ALA A 432 9.41 16.71 6.10
C ALA A 432 10.25 16.52 7.35
N LEU A 433 10.73 15.30 7.57
CA LEU A 433 11.47 15.00 8.78
C LEU A 433 12.97 15.04 8.52
N ASN A 434 13.32 15.06 7.24
CA ASN A 434 14.71 14.95 6.81
C ASN A 434 15.48 13.81 7.47
N THR A 435 15.01 12.60 7.23
CA THR A 435 15.69 11.39 7.65
C THR A 435 15.62 10.40 6.49
N SER A 436 16.28 9.26 6.65
CA SER A 436 16.16 8.19 5.67
C SER A 436 14.91 7.38 5.96
N VAL A 437 14.40 6.71 4.93
CA VAL A 437 13.29 5.80 5.11
C VAL A 437 13.70 4.44 4.62
N LEU A 438 13.35 3.41 5.39
CA LEU A 438 13.54 2.03 4.99
C LEU A 438 12.20 1.30 4.82
N LEU A 439 12.05 0.53 3.74
CA LEU A 439 10.89 -0.33 3.58
C LEU A 439 11.23 -1.79 3.86
N LEU A 440 10.57 -2.37 4.86
CA LEU A 440 10.88 -3.71 5.34
C LEU A 440 9.67 -4.63 5.14
N PRO A 441 9.56 -5.20 3.94
CA PRO A 441 8.42 -6.07 3.59
C PRO A 441 8.29 -7.26 4.53
N MET A 442 7.08 -7.52 5.00
CA MET A 442 6.87 -8.72 5.77
C MET A 442 6.54 -9.88 4.86
N GLY A 443 5.49 -9.72 4.07
CA GLY A 443 4.95 -10.85 3.32
C GLY A 443 5.55 -11.14 1.96
N ARG A 444 4.96 -12.13 1.29
CA ARG A 444 5.40 -12.57 -0.03
C ARG A 444 4.60 -11.89 -1.12
N GLY A 445 5.08 -11.97 -2.36
CA GLY A 445 4.47 -11.26 -3.47
C GLY A 445 3.21 -11.92 -4.00
N ASP A 446 2.84 -13.05 -3.40
CA ASP A 446 1.63 -13.76 -3.80
C ASP A 446 0.61 -13.79 -2.66
N ASP A 447 0.71 -12.81 -1.77
CA ASP A 447 -0.15 -12.76 -0.60
C ASP A 447 -1.60 -12.43 -0.96
N GLY A 448 -1.82 -11.91 -2.17
CA GLY A 448 -3.15 -11.62 -2.62
C GLY A 448 -3.71 -10.31 -2.08
N ALA A 449 -2.85 -9.33 -1.79
CA ALA A 449 -3.36 -8.03 -1.36
C ALA A 449 -4.29 -7.45 -2.44
N HIS A 450 -5.39 -6.86 -1.98
CA HIS A 450 -6.41 -6.25 -2.85
C HIS A 450 -7.15 -7.30 -3.66
N SER A 451 -7.05 -8.55 -3.24
CA SER A 451 -7.62 -9.66 -3.99
C SER A 451 -8.41 -10.59 -3.07
N ILE A 452 -8.84 -11.74 -3.59
CA ILE A 452 -9.49 -12.75 -2.75
C ILE A 452 -8.45 -13.63 -2.08
N ASN A 453 -8.82 -14.15 -0.90
CA ASN A 453 -7.98 -15.09 -0.16
C ASN A 453 -6.62 -14.49 0.26
N GLU A 454 -6.62 -13.24 0.69
CA GLU A 454 -5.40 -12.59 1.17
C GLU A 454 -4.81 -13.40 2.30
N LYS A 455 -3.53 -13.74 2.17
CA LYS A 455 -2.87 -14.63 3.11
C LYS A 455 -1.58 -14.00 3.62
N LEU A 456 -1.14 -14.48 4.78
CA LEU A 456 0.19 -14.17 5.29
C LEU A 456 0.77 -15.48 5.76
N ASP A 457 1.92 -15.87 5.20
CA ASP A 457 2.56 -17.09 5.63
C ASP A 457 3.12 -16.86 7.03
N ILE A 458 2.91 -17.85 7.91
CA ILE A 458 3.37 -17.72 9.30
C ILE A 458 4.89 -17.58 9.36
N SER A 459 5.58 -18.18 8.39
CA SER A 459 7.04 -18.06 8.32
C SER A 459 7.47 -16.62 8.09
N ASN A 460 6.70 -15.88 7.28
CA ASN A 460 6.97 -14.46 7.09
C ASN A 460 6.54 -13.62 8.29
N PHE A 461 5.48 -14.06 8.94
CA PHE A 461 5.00 -13.38 10.11
C PHE A 461 6.07 -13.46 11.19
N VAL A 462 6.46 -14.67 11.54
CA VAL A 462 7.49 -14.87 12.56
C VAL A 462 8.85 -14.35 12.10
N GLY A 463 9.25 -14.74 10.90
CA GLY A 463 10.51 -14.27 10.32
C GLY A 463 10.61 -12.76 10.28
N GLY A 464 9.48 -12.10 9.94
CA GLY A 464 9.46 -10.66 9.82
C GLY A 464 9.56 -9.98 11.16
N MET A 465 9.01 -10.62 12.20
CA MET A 465 9.06 -10.03 13.53
C MET A 465 10.48 -10.07 14.06
N LYS A 466 11.10 -11.24 13.93
CA LYS A 466 12.48 -11.42 14.34
C LYS A 466 13.36 -10.50 13.52
N THR A 467 13.01 -10.30 12.25
CA THR A 467 13.81 -9.39 11.43
C THR A 467 13.63 -7.94 11.88
N MET A 468 12.42 -7.58 12.26
CA MET A 468 12.18 -6.26 12.82
C MET A 468 12.96 -6.09 14.13
N ALA A 469 13.00 -7.12 14.95
CA ALA A 469 13.72 -7.04 16.21
C ALA A 469 15.23 -6.83 15.99
N ALA A 470 15.82 -7.59 15.10
CA ALA A 470 17.26 -7.49 14.91
C ALA A 470 17.60 -6.15 14.25
N TYR A 471 16.74 -5.73 13.32
CA TYR A 471 16.93 -4.45 12.67
C TYR A 471 16.97 -3.29 13.66
N LEU A 472 16.00 -3.22 14.58
CA LEU A 472 16.05 -2.18 15.61
C LEU A 472 17.34 -2.29 16.45
N GLN A 473 17.72 -3.51 16.77
CA GLN A 473 18.90 -3.73 17.56
C GLN A 473 20.15 -3.27 16.83
N TYR A 474 20.32 -3.72 15.59
CA TYR A 474 21.51 -3.38 14.83
C TYR A 474 21.58 -1.90 14.53
N TYR A 475 20.44 -1.33 14.16
CA TYR A 475 20.41 0.10 13.90
C TYR A 475 20.89 0.87 15.12
N SER A 476 20.45 0.46 16.31
CA SER A 476 20.88 1.11 17.55
C SER A 476 22.39 1.04 17.76
N GLU A 477 23.03 0.04 17.14
CA GLU A 477 24.48 -0.14 17.29
C GLU A 477 25.30 0.59 16.21
N SER A 478 24.71 0.82 15.04
CA SER A 478 25.42 1.46 13.94
C SER A 478 25.88 2.86 14.31
N PRO A 479 27.16 3.17 14.02
CA PRO A 479 27.81 4.46 14.30
C PRO A 479 27.06 5.67 13.73
N GLU A 480 26.31 5.48 12.65
CA GLU A 480 25.41 6.53 12.15
C GLU A 480 24.11 5.94 11.60
#